data_2WXB
#
_entry.id   2WXB
#
_cell.length_a   78.696
_cell.length_b   78.696
_cell.length_c   277.743
_cell.angle_alpha   90.00
_cell.angle_beta   90.00
_cell.angle_gamma   120.00
#
_symmetry.space_group_name_H-M   'P 61 2 2'
#
loop_
_entity.id
_entity.type
_entity.pdbx_description
1 polymer 'ACETYLGLUTAMATE KINASE'
2 non-polymer (2R,3S)-1,4-DIMERCAPTOBUTANE-2,3-DIOL
3 non-polymer 'ACETATE ION'
4 non-polymer 1,2-ETHANEDIOL
5 water water
#
_entity_poly.entity_id   1
_entity_poly.type   'polypeptide(L)'
_entity_poly.pdbx_seq_one_letter_code
;MMNPLIIKLGGVLLDSEEALERLFSALVNYRESHQRPLVIVHGGGCVVDELMKGLNLPVKKKNGLRVTPADQIDIITGAL
AGTANKTLLAWAKKHQIAAVGLFLGDGDSVKVTQLDEELGHVGLAQPGSPKLINSLLENGYLPVVSSIGVTDEGQLMNVN
ADQAATALAATLGADLILLSDVSGILDGKGQRIAEMTAAKAEQLIEQGIITDGMIVKVNAALDAARTLGRPVDIASWRHA
EQLPALFNGMPMGTRILA
;
_entity_poly.pdbx_strand_id   A,B
#
# COMPACT_ATOMS: atom_id res chain seq x y z
N MET A 2 8.43 -7.20 25.20
CA MET A 2 6.95 -7.35 25.31
C MET A 2 6.33 -7.96 24.07
N ASN A 3 5.17 -8.58 24.26
CA ASN A 3 4.39 -9.07 23.14
C ASN A 3 3.86 -7.88 22.34
N PRO A 4 3.58 -8.08 21.04
CA PRO A 4 3.15 -6.93 20.27
C PRO A 4 1.80 -6.35 20.73
N LEU A 5 1.59 -5.08 20.43
CA LEU A 5 0.35 -4.39 20.63
C LEU A 5 -0.19 -3.92 19.30
N ILE A 6 -1.45 -4.24 19.03
CA ILE A 6 -2.14 -3.69 17.88
C ILE A 6 -2.98 -2.52 18.32
N ILE A 7 -2.77 -1.38 17.68
CA ILE A 7 -3.56 -0.17 17.87
C ILE A 7 -4.43 0.05 16.63
N LYS A 8 -5.72 -0.21 16.78
CA LYS A 8 -6.67 -0.06 15.70
C LYS A 8 -7.25 1.34 15.74
N LEU A 9 -7.19 2.04 14.62
CA LEU A 9 -7.69 3.43 14.55
C LEU A 9 -9.06 3.51 13.91
N GLY A 10 -10.01 4.08 14.63
CA GLY A 10 -11.33 4.34 14.08
C GLY A 10 -11.27 5.41 13.02
N GLY A 11 -12.25 5.39 12.14
CA GLY A 11 -12.37 6.34 11.03
C GLY A 11 -12.43 7.78 11.49
N VAL A 12 -13.19 8.04 12.55
CA VAL A 12 -13.26 9.40 13.14
C VAL A 12 -11.88 9.90 13.58
N LEU A 13 -11.01 8.99 14.00
CA LEU A 13 -9.64 9.37 14.32
C LEU A 13 -8.89 9.74 13.03
N LEU A 14 -9.02 8.89 12.01
CA LEU A 14 -8.37 9.13 10.71
C LEU A 14 -8.83 10.41 10.03
N ASP A 15 -10.07 10.84 10.29
CA ASP A 15 -10.61 12.04 9.65
C ASP A 15 -10.31 13.32 10.42
N SER A 16 -9.51 13.21 11.48
CA SER A 16 -9.19 14.37 12.30
C SER A 16 -7.69 14.62 12.34
N GLU A 17 -7.26 15.73 11.77
CA GLU A 17 -5.84 16.09 11.77
C GLU A 17 -5.31 16.36 13.20
N GLU A 18 -6.18 16.83 14.11
CA GLU A 18 -5.77 17.03 15.51
C GLU A 18 -5.53 15.68 16.18
N ALA A 19 -6.46 14.74 16.00
CA ALA A 19 -6.28 13.40 16.55
C ALA A 19 -4.96 12.81 16.06
N LEU A 20 -4.68 12.98 14.77
CA LEU A 20 -3.54 12.32 14.14
C LEU A 20 -2.24 12.91 14.64
N GLU A 21 -2.17 14.23 14.70
CA GLU A 21 -0.99 14.88 15.24
C GLU A 21 -0.73 14.40 16.68
N ARG A 22 -1.79 14.33 17.49
CA ARG A 22 -1.67 13.90 18.89
C ARG A 22 -1.23 12.45 18.96
N LEU A 23 -1.79 11.64 18.07
CA LEU A 23 -1.47 10.24 18.06
C LEU A 23 0.00 10.03 17.74
N PHE A 24 0.46 10.66 16.68
CA PHE A 24 1.83 10.44 16.25
C PHE A 24 2.86 11.05 17.18
N SER A 25 2.50 12.16 17.83
CA SER A 25 3.33 12.73 18.90
C SER A 25 3.47 11.75 20.06
N ALA A 26 2.33 11.21 20.51
CA ALA A 26 2.29 10.15 21.51
C ALA A 26 3.12 8.94 21.07
N LEU A 27 3.02 8.55 19.80
CA LEU A 27 3.80 7.40 19.34
C LEU A 27 5.30 7.64 19.47
N VAL A 28 5.74 8.84 19.09
CA VAL A 28 7.14 9.25 19.24
C VAL A 28 7.57 9.20 20.71
N ASN A 29 6.85 9.93 21.57
CA ASN A 29 7.08 9.93 23.01
C ASN A 29 7.22 8.51 23.61
N TYR A 30 6.27 7.63 23.31
CA TYR A 30 6.31 6.24 23.78
C TYR A 30 7.59 5.50 23.36
N ARG A 31 7.92 5.61 22.07
CA ARG A 31 9.04 4.86 21.47
C ARG A 31 10.41 5.36 21.91
N GLU A 32 10.47 6.56 22.47
CA GLU A 32 11.70 7.11 23.02
C GLU A 32 12.01 6.48 24.39
N SER A 33 11.01 5.84 25.01
CA SER A 33 11.19 5.22 26.32
C SER A 33 10.82 3.73 26.39
N HIS A 34 10.20 3.18 25.34
CA HIS A 34 9.73 1.79 25.40
C HIS A 34 9.89 1.12 24.05
N GLN A 35 10.30 -0.15 24.09
CA GLN A 35 10.59 -0.89 22.86
C GLN A 35 9.46 -1.88 22.46
N ARG A 36 8.26 -1.71 23.00
CA ARG A 36 7.20 -2.67 22.73
C ARG A 36 6.88 -2.66 21.24
N PRO A 37 6.80 -3.83 20.61
CA PRO A 37 6.40 -3.84 19.19
C PRO A 37 4.97 -3.33 18.98
N LEU A 38 4.83 -2.32 18.12
CA LEU A 38 3.53 -1.69 17.80
C LEU A 38 3.14 -1.94 16.36
N VAL A 39 1.85 -2.23 16.15
CA VAL A 39 1.27 -2.41 14.84
C VAL A 39 0.03 -1.56 14.84
N ILE A 40 -0.19 -0.82 13.75
CA ILE A 40 -1.44 -0.08 13.56
C ILE A 40 -2.29 -0.80 12.55
N VAL A 41 -3.61 -0.86 12.83
CA VAL A 41 -4.58 -1.36 11.86
C VAL A 41 -5.58 -0.25 11.64
N HIS A 42 -6.03 -0.11 10.40
CA HIS A 42 -7.02 0.90 10.10
C HIS A 42 -7.95 0.50 8.98
N GLY A 43 -9.10 1.15 9.01
CA GLY A 43 -10.03 1.14 7.93
C GLY A 43 -10.00 2.43 7.12
N GLY A 44 -11.17 2.82 6.67
CA GLY A 44 -11.25 3.85 5.66
C GLY A 44 -11.57 5.22 6.17
N GLY A 45 -12.43 5.31 7.20
CA GLY A 45 -13.00 6.60 7.60
C GLY A 45 -13.92 7.13 6.50
N CYS A 46 -14.03 8.45 6.39
CA CYS A 46 -14.97 9.03 5.46
C CYS A 46 -14.47 9.09 4.00
N VAL A 47 -13.20 8.77 3.75
CA VAL A 47 -12.62 8.93 2.41
C VAL A 47 -13.21 7.97 1.37
N VAL A 48 -13.58 6.77 1.80
CA VAL A 48 -14.28 5.85 0.91
C VAL A 48 -15.63 6.42 0.50
N ASP A 49 -16.42 6.84 1.47
CA ASP A 49 -17.78 7.30 1.23
C ASP A 49 -17.81 8.56 0.34
N GLU A 50 -16.88 9.48 0.59
CA GLU A 50 -16.73 10.69 -0.23
C GLU A 50 -16.33 10.34 -1.66
N LEU A 51 -15.42 9.39 -1.82
CA LEU A 51 -15.05 8.95 -3.17
C LEU A 51 -16.26 8.35 -3.89
N MET A 52 -16.97 7.46 -3.22
CA MET A 52 -18.16 6.81 -3.77
C MET A 52 -19.20 7.82 -4.19
N LYS A 53 -19.47 8.80 -3.33
CA LYS A 53 -20.42 9.86 -3.63
C LYS A 53 -19.91 10.69 -4.79
N GLY A 54 -18.63 11.04 -4.73
CA GLY A 54 -17.97 11.74 -5.83
C GLY A 54 -18.14 11.06 -7.19
N LEU A 55 -18.12 9.73 -7.19
CA LEU A 55 -18.34 8.94 -8.41
C LEU A 55 -19.81 8.54 -8.66
N ASN A 56 -20.74 9.09 -7.87
CA ASN A 56 -22.17 8.77 -7.99
C ASN A 56 -22.42 7.27 -8.05
N LEU A 57 -21.78 6.54 -7.14
CA LEU A 57 -21.97 5.12 -7.00
C LEU A 57 -22.73 4.89 -5.70
N PRO A 58 -24.05 4.68 -5.78
CA PRO A 58 -24.77 4.40 -4.53
C PRO A 58 -24.32 3.12 -3.85
N VAL A 59 -24.29 3.14 -2.51
CA VAL A 59 -24.00 1.95 -1.71
C VAL A 59 -25.31 1.27 -1.36
N LYS A 60 -25.44 -0.01 -1.71
CA LYS A 60 -26.58 -0.85 -1.31
C LYS A 60 -26.21 -1.74 -0.11
N LYS A 61 -27.17 -1.95 0.79
CA LYS A 61 -26.96 -2.82 1.94
C LYS A 61 -27.85 -4.06 1.88
N LYS A 62 -27.35 -5.16 2.44
CA LYS A 62 -28.12 -6.39 2.59
C LYS A 62 -28.07 -6.75 4.07
N ASN A 63 -29.20 -6.61 4.76
CA ASN A 63 -29.27 -6.89 6.18
C ASN A 63 -28.20 -6.13 6.99
N GLY A 64 -27.97 -4.88 6.62
CA GLY A 64 -27.06 -4.00 7.35
C GLY A 64 -25.62 -3.96 6.84
N LEU A 65 -25.32 -4.81 5.85
CA LEU A 65 -23.97 -4.92 5.29
C LEU A 65 -23.95 -4.48 3.84
N ARG A 66 -22.88 -3.81 3.44
CA ARG A 66 -22.76 -3.20 2.11
C ARG A 66 -22.45 -4.22 1.01
N VAL A 67 -23.29 -4.23 -0.02
CA VAL A 67 -22.97 -5.00 -1.22
C VAL A 67 -21.78 -4.30 -1.87
N THR A 68 -20.75 -5.09 -2.20
CA THR A 68 -19.51 -4.55 -2.74
C THR A 68 -19.22 -5.29 -4.05
N PRO A 69 -19.82 -4.81 -5.13
CA PRO A 69 -19.64 -5.52 -6.39
C PRO A 69 -18.24 -5.37 -6.93
N ALA A 70 -17.93 -6.21 -7.92
CA ALA A 70 -16.65 -6.24 -8.61
C ALA A 70 -16.26 -4.85 -9.08
N ASP A 71 -17.26 -4.10 -9.53
CA ASP A 71 -17.06 -2.77 -10.09
C ASP A 71 -16.91 -1.66 -9.06
N GLN A 72 -16.87 -2.01 -7.78
CA GLN A 72 -16.58 -1.05 -6.70
C GLN A 72 -15.39 -1.45 -5.84
N ILE A 73 -15.08 -2.74 -5.77
CA ILE A 73 -13.98 -3.17 -4.88
C ILE A 73 -12.63 -2.46 -5.21
N ASP A 74 -12.36 -2.19 -6.48
CA ASP A 74 -11.10 -1.52 -6.84
C ASP A 74 -11.08 -0.05 -6.38
N ILE A 75 -12.22 0.63 -6.49
CA ILE A 75 -12.31 2.02 -6.00
C ILE A 75 -12.13 2.07 -4.50
N ILE A 76 -12.77 1.13 -3.79
CA ILE A 76 -12.71 1.09 -2.34
C ILE A 76 -11.27 0.76 -1.90
N THR A 77 -10.67 -0.20 -2.57
CA THR A 77 -9.30 -0.59 -2.27
C THR A 77 -8.41 0.60 -2.40
N GLY A 78 -8.63 1.38 -3.44
CA GLY A 78 -7.86 2.58 -3.66
C GLY A 78 -7.99 3.56 -2.50
N ALA A 79 -9.21 3.82 -2.03
CA ALA A 79 -9.42 4.83 -0.97
C ALA A 79 -8.83 4.37 0.35
N LEU A 80 -8.92 3.07 0.61
CA LEU A 80 -8.63 2.51 1.92
C LEU A 80 -7.20 1.97 2.01
N ALA A 81 -6.82 1.03 1.14
CA ALA A 81 -5.47 0.54 1.10
C ALA A 81 -4.46 1.58 0.55
N GLY A 82 -4.94 2.48 -0.28
CA GLY A 82 -4.10 3.53 -0.90
C GLY A 82 -4.13 4.83 -0.08
N THR A 83 -5.19 5.60 -0.21
CA THR A 83 -5.26 6.93 0.40
C THR A 83 -5.13 6.89 1.91
N ALA A 84 -5.98 6.13 2.58
CA ALA A 84 -5.97 6.11 4.06
C ALA A 84 -4.60 5.61 4.58
N ASN A 85 -4.11 4.54 3.99
CA ASN A 85 -2.87 3.93 4.42
C ASN A 85 -1.70 4.91 4.21
N LYS A 86 -1.60 5.49 3.01
CA LYS A 86 -0.47 6.36 2.71
C LYS A 86 -0.53 7.68 3.44
N THR A 87 -1.74 8.17 3.75
CA THR A 87 -1.89 9.32 4.63
C THR A 87 -1.27 9.04 5.98
N LEU A 88 -1.54 7.86 6.54
CA LEU A 88 -0.91 7.47 7.81
C LEU A 88 0.61 7.39 7.69
N LEU A 89 1.10 6.79 6.61
CA LEU A 89 2.54 6.69 6.41
C LEU A 89 3.19 8.08 6.26
N ALA A 90 2.44 9.06 5.77
CA ALA A 90 2.95 10.40 5.63
C ALA A 90 3.06 11.09 6.98
N TRP A 91 2.09 10.82 7.85
CA TRP A 91 2.14 11.28 9.22
C TRP A 91 3.31 10.67 9.95
N ALA A 92 3.52 9.37 9.71
CA ALA A 92 4.65 8.65 10.28
C ALA A 92 5.94 9.32 9.87
N LYS A 93 6.09 9.61 8.59
CA LYS A 93 7.32 10.21 8.05
C LYS A 93 7.57 11.60 8.61
N LYS A 94 6.53 12.44 8.63
CA LYS A 94 6.62 13.78 9.25
C LYS A 94 7.22 13.68 10.67
N HIS A 95 6.84 12.64 11.40
CA HIS A 95 7.31 12.40 12.79
C HIS A 95 8.55 11.49 12.90
N GLN A 96 9.24 11.27 11.78
CA GLN A 96 10.45 10.48 11.73
C GLN A 96 10.28 9.05 12.27
N ILE A 97 9.09 8.47 12.08
CA ILE A 97 8.84 7.11 12.53
C ILE A 97 8.99 6.20 11.31
N ALA A 98 9.79 5.14 11.43
CA ALA A 98 9.99 4.21 10.31
C ALA A 98 8.81 3.25 10.21
N ALA A 99 7.80 3.63 9.44
CA ALA A 99 6.60 2.85 9.28
C ALA A 99 6.66 2.08 7.95
N VAL A 100 5.96 0.97 7.87
CA VAL A 100 5.80 0.22 6.61
C VAL A 100 4.33 -0.11 6.41
N GLY A 101 3.77 0.30 5.28
CA GLY A 101 2.37 0.04 5.02
C GLY A 101 2.15 -1.36 4.49
N LEU A 102 1.14 -2.03 5.01
CA LEU A 102 0.74 -3.33 4.53
C LEU A 102 -0.78 -3.36 4.34
N PHE A 103 -1.25 -4.35 3.60
CA PHE A 103 -2.65 -4.81 3.68
C PHE A 103 -2.68 -6.23 4.20
N LEU A 104 -3.87 -6.74 4.47
CA LEU A 104 -4.00 -8.02 5.15
C LEU A 104 -3.33 -9.18 4.39
N GLY A 105 -3.26 -9.05 3.07
CA GLY A 105 -2.71 -10.11 2.24
C GLY A 105 -1.20 -10.23 2.29
N ASP A 106 -0.51 -9.15 2.67
CA ASP A 106 0.97 -9.17 2.72
C ASP A 106 1.39 -10.16 3.77
N GLY A 107 2.20 -11.15 3.36
CA GLY A 107 2.60 -12.22 4.25
C GLY A 107 1.46 -13.10 4.72
N ASP A 108 0.32 -13.06 4.00
CA ASP A 108 -0.92 -13.70 4.46
C ASP A 108 -1.15 -13.42 5.96
N SER A 109 -0.92 -12.18 6.38
CA SER A 109 -1.01 -11.80 7.78
C SER A 109 -2.40 -12.07 8.38
N VAL A 110 -3.45 -11.77 7.61
CA VAL A 110 -4.81 -12.16 7.97
C VAL A 110 -5.47 -12.82 6.75
N LYS A 111 -5.90 -14.06 6.90
CA LYS A 111 -6.53 -14.78 5.79
C LYS A 111 -7.97 -14.34 5.66
N VAL A 112 -8.44 -14.25 4.42
CA VAL A 112 -9.77 -13.74 4.15
C VAL A 112 -10.48 -14.66 3.19
N THR A 113 -11.71 -15.01 3.56
CA THR A 113 -12.65 -15.71 2.69
C THR A 113 -13.82 -14.77 2.37
N GLN A 114 -14.54 -15.08 1.29
CA GLN A 114 -15.71 -14.28 0.92
C GLN A 114 -16.83 -14.57 1.90
N LEU A 115 -17.39 -13.51 2.51
CA LEU A 115 -18.45 -13.68 3.52
C LEU A 115 -19.73 -14.25 2.95
N ASP A 116 -20.16 -13.70 1.82
CA ASP A 116 -21.42 -14.07 1.21
C ASP A 116 -21.38 -13.68 -0.26
N GLU A 117 -21.69 -14.61 -1.15
CA GLU A 117 -21.77 -14.32 -2.59
C GLU A 117 -22.62 -13.10 -2.90
N GLU A 118 -23.70 -12.90 -2.15
CA GLU A 118 -24.60 -11.77 -2.40
C GLU A 118 -24.03 -10.41 -1.98
N LEU A 119 -23.01 -10.41 -1.12
CA LEU A 119 -22.38 -9.15 -0.73
C LEU A 119 -21.18 -8.85 -1.64
N GLY A 120 -20.83 -9.80 -2.49
CA GLY A 120 -19.69 -9.64 -3.37
C GLY A 120 -18.40 -9.63 -2.59
N HIS A 121 -17.65 -8.53 -2.72
CA HIS A 121 -16.29 -8.48 -2.21
C HIS A 121 -16.21 -7.98 -0.75
N VAL A 122 -17.02 -8.60 0.12
CA VAL A 122 -16.87 -8.40 1.56
C VAL A 122 -16.22 -9.66 2.11
N GLY A 123 -15.15 -9.47 2.87
CA GLY A 123 -14.33 -10.57 3.37
C GLY A 123 -14.57 -10.82 4.83
N LEU A 124 -14.33 -12.07 5.23
CA LEU A 124 -14.37 -12.49 6.61
C LEU A 124 -12.94 -12.80 7.01
N ALA A 125 -12.48 -12.12 8.07
CA ALA A 125 -11.13 -12.28 8.61
C ALA A 125 -10.95 -13.57 9.38
N GLN A 126 -9.77 -14.16 9.22
CA GLN A 126 -9.36 -15.37 9.89
C GLN A 126 -7.89 -15.19 10.26
N PRO A 127 -7.43 -15.77 11.39
CA PRO A 127 -6.00 -15.60 11.66
C PRO A 127 -5.13 -16.20 10.57
N GLY A 128 -4.03 -15.50 10.27
CA GLY A 128 -3.11 -15.89 9.21
C GLY A 128 -1.74 -16.28 9.70
N SER A 129 -0.73 -15.81 8.98
CA SER A 129 0.66 -16.10 9.29
C SER A 129 1.36 -14.88 9.86
N PRO A 130 1.99 -15.02 11.04
CA PRO A 130 2.68 -13.89 11.71
C PRO A 130 4.13 -13.63 11.20
N LYS A 131 4.59 -14.44 10.25
CA LYS A 131 6.01 -14.44 9.89
C LYS A 131 6.50 -13.08 9.39
N LEU A 132 5.79 -12.49 8.43
CA LEU A 132 6.23 -11.22 7.82
C LEU A 132 6.24 -10.10 8.85
N ILE A 133 5.12 -9.92 9.54
CA ILE A 133 5.04 -8.84 10.52
C ILE A 133 6.06 -9.02 11.66
N ASN A 134 6.24 -10.24 12.14
CA ASN A 134 7.30 -10.47 13.12
C ASN A 134 8.67 -10.00 12.59
N SER A 135 8.96 -10.28 11.32
CA SER A 135 10.29 -9.94 10.78
C SER A 135 10.47 -8.42 10.65
N LEU A 136 9.40 -7.72 10.26
CA LEU A 136 9.40 -6.25 10.25
C LEU A 136 9.61 -5.64 11.66
N LEU A 137 8.85 -6.14 12.64
CA LEU A 137 8.98 -5.68 14.03
C LEU A 137 10.38 -5.93 14.59
N GLU A 138 10.94 -7.09 14.30
CA GLU A 138 12.31 -7.44 14.72
C GLU A 138 13.32 -6.41 14.19
N ASN A 139 13.09 -5.90 12.97
CA ASN A 139 13.95 -4.91 12.35
C ASN A 139 13.62 -3.47 12.72
N GLY A 140 12.65 -3.25 13.60
CA GLY A 140 12.35 -1.91 14.13
C GLY A 140 11.36 -1.08 13.33
N TYR A 141 10.61 -1.72 12.43
CA TYR A 141 9.57 -1.04 11.63
C TYR A 141 8.20 -1.04 12.35
N LEU A 142 7.40 -0.02 12.09
CA LEU A 142 6.02 0.10 12.58
C LEU A 142 5.06 -0.25 11.46
N PRO A 143 4.57 -1.51 11.43
CA PRO A 143 3.64 -1.87 10.36
C PRO A 143 2.31 -1.16 10.54
N VAL A 144 1.79 -0.65 9.42
CA VAL A 144 0.51 0.08 9.37
C VAL A 144 -0.33 -0.64 8.34
N VAL A 145 -1.30 -1.39 8.81
CA VAL A 145 -1.99 -2.40 8.03
C VAL A 145 -3.44 -1.94 7.74
N SER A 146 -3.79 -1.78 6.46
CA SER A 146 -5.17 -1.51 6.05
C SER A 146 -6.07 -2.77 6.13
N SER A 147 -7.38 -2.53 6.13
CA SER A 147 -8.37 -3.61 6.25
C SER A 147 -8.91 -4.13 4.89
N ILE A 148 -8.11 -4.00 3.83
CA ILE A 148 -8.37 -4.70 2.59
C ILE A 148 -7.56 -5.98 2.66
N GLY A 149 -8.15 -7.07 2.19
CA GLY A 149 -7.48 -8.34 2.15
C GLY A 149 -7.72 -8.97 0.80
N VAL A 150 -7.32 -10.21 0.67
CA VAL A 150 -7.41 -10.92 -0.58
C VAL A 150 -7.62 -12.40 -0.32
N THR A 151 -8.53 -13.02 -1.07
CA THR A 151 -8.74 -14.45 -0.93
C THR A 151 -7.56 -15.23 -1.53
N ASP A 152 -7.50 -16.51 -1.22
CA ASP A 152 -6.39 -17.34 -1.67
C ASP A 152 -6.38 -17.46 -3.19
N GLU A 153 -7.55 -17.31 -3.81
CA GLU A 153 -7.68 -17.34 -5.26
C GLU A 153 -7.43 -15.99 -5.92
N GLY A 154 -7.21 -14.94 -5.13
CA GLY A 154 -6.84 -13.65 -5.67
C GLY A 154 -7.95 -12.63 -5.81
N GLN A 155 -9.03 -12.75 -5.04
CA GLN A 155 -10.14 -11.80 -5.09
C GLN A 155 -9.96 -10.82 -3.93
N LEU A 156 -9.91 -9.54 -4.23
CA LEU A 156 -9.81 -8.52 -3.20
C LEU A 156 -11.10 -8.43 -2.38
N MET A 157 -10.94 -8.16 -1.09
CA MET A 157 -12.04 -8.14 -0.15
C MET A 157 -11.94 -6.93 0.80
N ASN A 158 -13.07 -6.29 1.05
CA ASN A 158 -13.16 -5.27 2.09
C ASN A 158 -13.57 -5.96 3.40
N VAL A 159 -12.80 -5.74 4.45
CA VAL A 159 -12.98 -6.46 5.71
C VAL A 159 -13.24 -5.45 6.83
N ASN A 160 -14.22 -5.76 7.68
CA ASN A 160 -14.51 -4.96 8.85
C ASN A 160 -13.19 -4.80 9.63
N ALA A 161 -12.82 -3.56 9.90
CA ALA A 161 -11.49 -3.27 10.44
C ALA A 161 -11.31 -3.73 11.88
N ASP A 162 -12.37 -3.67 12.68
CA ASP A 162 -12.35 -4.24 14.05
C ASP A 162 -12.06 -5.75 14.02
N GLN A 163 -12.73 -6.44 13.12
CA GLN A 163 -12.51 -7.89 12.92
C GLN A 163 -11.13 -8.22 12.34
N ALA A 164 -10.68 -7.42 11.39
CA ALA A 164 -9.32 -7.52 10.84
C ALA A 164 -8.29 -7.38 11.97
N ALA A 165 -8.46 -6.36 12.79
CA ALA A 165 -7.53 -6.14 13.88
C ALA A 165 -7.56 -7.30 14.88
N THR A 166 -8.75 -7.84 15.14
CA THR A 166 -8.92 -8.98 16.01
C THR A 166 -8.20 -10.20 15.45
N ALA A 167 -8.32 -10.43 14.15
CA ALA A 167 -7.66 -11.58 13.53
C ALA A 167 -6.16 -11.42 13.58
N LEU A 168 -5.67 -10.19 13.36
CA LEU A 168 -4.24 -9.92 13.39
C LEU A 168 -3.66 -10.10 14.80
N ALA A 169 -4.40 -9.63 15.82
CA ALA A 169 -3.98 -9.77 17.21
C ALA A 169 -3.85 -11.26 17.57
N ALA A 170 -4.85 -12.05 17.18
CA ALA A 170 -4.80 -13.49 17.38
C ALA A 170 -3.58 -14.09 16.66
N THR A 171 -3.35 -13.66 15.42
CA THR A 171 -2.22 -14.15 14.62
C THR A 171 -0.85 -13.92 15.30
N LEU A 172 -0.69 -12.73 15.88
CA LEU A 172 0.58 -12.30 16.43
C LEU A 172 0.75 -12.66 17.88
N GLY A 173 -0.32 -13.14 18.53
CA GLY A 173 -0.36 -13.22 20.00
C GLY A 173 -0.27 -11.85 20.63
N ALA A 174 -0.85 -10.85 19.96
CA ALA A 174 -0.75 -9.44 20.35
C ALA A 174 -1.91 -8.99 21.23
N ASP A 175 -1.70 -7.89 21.97
CA ASP A 175 -2.79 -7.21 22.68
C ASP A 175 -3.48 -6.24 21.72
N LEU A 176 -4.63 -5.71 22.14
CA LEU A 176 -5.48 -4.96 21.20
C LEU A 176 -6.14 -3.76 21.86
N ILE A 177 -5.94 -2.59 21.25
CA ILE A 177 -6.67 -1.40 21.65
C ILE A 177 -7.53 -0.97 20.46
N LEU A 178 -8.82 -0.76 20.71
CA LEU A 178 -9.67 -0.10 19.75
C LEU A 178 -9.72 1.39 20.11
N LEU A 179 -9.00 2.19 19.35
CA LEU A 179 -8.80 3.61 19.63
C LEU A 179 -9.68 4.44 18.72
N SER A 180 -10.44 5.36 19.30
CA SER A 180 -11.28 6.26 18.54
C SER A 180 -11.55 7.53 19.34
N ASP A 181 -12.77 8.06 19.29
CA ASP A 181 -13.14 9.25 20.07
C ASP A 181 -13.81 8.90 21.41
N VAL A 182 -13.94 7.61 21.72
CA VAL A 182 -14.56 7.22 22.98
C VAL A 182 -13.49 6.86 23.99
N SER A 183 -13.29 7.77 24.96
CA SER A 183 -12.20 7.65 25.93
C SER A 183 -12.43 6.59 26.99
N GLY A 184 -13.67 6.12 27.12
CA GLY A 184 -14.04 5.11 28.10
C GLY A 184 -15.52 5.17 28.43
N ILE A 185 -16.05 4.06 28.92
CA ILE A 185 -17.47 3.95 29.25
C ILE A 185 -17.70 4.34 30.70
N LEU A 186 -18.56 5.34 30.91
CA LEU A 186 -18.82 5.88 32.23
C LEU A 186 -20.00 5.16 32.88
N ASP A 187 -19.95 4.99 34.20
CA ASP A 187 -21.04 4.34 34.93
C ASP A 187 -22.22 5.29 35.02
N GLY A 188 -23.25 4.92 35.79
CA GLY A 188 -24.42 5.78 36.00
C GLY A 188 -24.17 7.04 36.82
N LYS A 189 -22.99 7.12 37.44
CA LYS A 189 -22.55 8.33 38.15
C LYS A 189 -21.50 9.11 37.34
N GLY A 190 -21.29 8.73 36.09
CA GLY A 190 -20.39 9.47 35.20
C GLY A 190 -18.90 9.25 35.40
N GLN A 191 -18.54 8.17 36.10
CA GLN A 191 -17.15 7.85 36.36
C GLN A 191 -16.70 6.78 35.38
N ARG A 192 -15.51 6.96 34.80
CA ARG A 192 -14.95 5.99 33.85
C ARG A 192 -14.82 4.64 34.54
N ILE A 193 -15.32 3.61 33.88
CA ILE A 193 -15.15 2.26 34.37
C ILE A 193 -13.90 1.69 33.70
N ALA A 194 -12.89 1.38 34.52
CA ALA A 194 -11.60 0.93 34.05
C ALA A 194 -11.67 -0.46 33.45
N GLU A 195 -12.42 -1.34 34.11
CA GLU A 195 -12.55 -2.73 33.67
C GLU A 195 -14.00 -3.15 33.67
N MET A 196 -14.44 -3.76 32.57
CA MET A 196 -15.85 -4.09 32.39
C MET A 196 -16.01 -5.47 31.81
N THR A 197 -16.68 -6.35 32.55
CA THR A 197 -16.98 -7.69 32.08
C THR A 197 -18.10 -7.59 31.02
N ALA A 198 -18.28 -8.67 30.28
CA ALA A 198 -19.39 -8.78 29.34
C ALA A 198 -20.74 -8.70 30.08
N ALA A 199 -20.81 -9.24 31.29
CA ALA A 199 -22.01 -9.16 32.15
C ALA A 199 -22.42 -7.72 32.51
N LYS A 200 -21.45 -6.85 32.77
CA LYS A 200 -21.75 -5.44 33.08
C LYS A 200 -22.17 -4.72 31.82
N ALA A 201 -21.44 -4.95 30.74
CA ALA A 201 -21.75 -4.33 29.46
C ALA A 201 -23.20 -4.60 29.08
N GLU A 202 -23.57 -5.88 29.08
CA GLU A 202 -24.92 -6.29 28.70
C GLU A 202 -25.99 -5.69 29.60
N GLN A 203 -25.70 -5.66 30.89
CA GLN A 203 -26.58 -5.03 31.86
C GLN A 203 -26.72 -3.53 31.59
N LEU A 204 -25.60 -2.84 31.37
CA LEU A 204 -25.60 -1.38 31.17
C LEU A 204 -26.32 -0.93 29.90
N ILE A 205 -26.28 -1.76 28.87
CA ILE A 205 -26.96 -1.44 27.61
C ILE A 205 -28.46 -1.41 27.85
N GLU A 206 -28.96 -2.52 28.40
CA GLU A 206 -30.37 -2.67 28.78
C GLU A 206 -30.82 -1.59 29.76
N GLN A 207 -30.05 -1.42 30.84
CA GLN A 207 -30.30 -0.36 31.82
C GLN A 207 -30.36 1.04 31.19
N GLY A 208 -29.84 1.16 29.97
CA GLY A 208 -29.93 2.40 29.21
C GLY A 208 -28.79 3.37 29.44
N ILE A 209 -27.77 2.95 30.19
CA ILE A 209 -26.60 3.81 30.42
C ILE A 209 -25.75 3.85 29.15
N ILE A 210 -25.57 2.69 28.52
CA ILE A 210 -24.91 2.61 27.23
C ILE A 210 -25.96 2.60 26.13
N THR A 211 -26.00 3.66 25.32
CA THR A 211 -26.94 3.77 24.19
C THR A 211 -26.21 4.26 22.93
N ASP A 212 -26.95 4.64 21.89
CA ASP A 212 -26.38 5.24 20.68
C ASP A 212 -25.18 4.46 20.09
N GLY A 213 -24.22 5.18 19.49
CA GLY A 213 -22.98 4.60 19.00
C GLY A 213 -22.14 3.85 20.02
N MET A 214 -22.31 4.18 21.30
CA MET A 214 -21.62 3.47 22.39
C MET A 214 -21.96 1.99 22.38
N ILE A 215 -23.20 1.67 22.01
CA ILE A 215 -23.62 0.28 21.93
C ILE A 215 -22.77 -0.47 20.93
N VAL A 216 -22.60 0.12 19.74
CA VAL A 216 -21.88 -0.57 18.66
C VAL A 216 -20.39 -0.69 18.96
N LYS A 217 -19.83 0.35 19.59
CA LYS A 217 -18.41 0.35 19.94
C LYS A 217 -18.12 -0.64 21.05
N VAL A 218 -19.03 -0.71 22.02
CA VAL A 218 -18.89 -1.68 23.12
C VAL A 218 -19.03 -3.08 22.57
N ASN A 219 -20.02 -3.27 21.70
CA ASN A 219 -20.20 -4.58 21.08
C ASN A 219 -19.02 -4.97 20.23
N ALA A 220 -18.41 -4.00 19.55
CA ALA A 220 -17.21 -4.25 18.75
C ALA A 220 -16.09 -4.84 19.62
N ALA A 221 -15.86 -4.19 20.76
CA ALA A 221 -14.88 -4.64 21.75
C ALA A 221 -15.21 -6.02 22.34
N LEU A 222 -16.49 -6.26 22.66
CA LEU A 222 -16.94 -7.53 23.23
C LEU A 222 -16.68 -8.66 22.27
N ASP A 223 -17.02 -8.45 21.00
CA ASP A 223 -16.76 -9.47 20.00
C ASP A 223 -15.29 -9.75 19.90
N ALA A 224 -14.50 -8.70 20.02
CA ALA A 224 -13.07 -8.83 19.85
C ALA A 224 -12.50 -9.62 21.04
N ALA A 225 -12.89 -9.25 22.25
CA ALA A 225 -12.48 -9.97 23.48
C ALA A 225 -12.96 -11.44 23.50
N ARG A 226 -14.18 -11.69 23.05
CA ARG A 226 -14.72 -13.04 23.04
C ARG A 226 -13.88 -13.96 22.18
N THR A 227 -13.51 -13.46 21.02
CA THR A 227 -12.68 -14.21 20.07
C THR A 227 -11.28 -14.40 20.62
N LEU A 228 -10.70 -13.30 21.12
CA LEU A 228 -9.29 -13.26 21.40
C LEU A 228 -8.92 -14.11 22.62
N GLY A 229 -9.76 -14.06 23.63
CA GLY A 229 -9.50 -14.77 24.88
C GLY A 229 -8.70 -13.95 25.88
N ARG A 230 -8.29 -12.76 25.48
CA ARG A 230 -7.75 -11.79 26.44
C ARG A 230 -8.53 -10.48 26.31
N PRO A 231 -8.32 -9.53 27.24
CA PRO A 231 -9.10 -8.29 27.19
C PRO A 231 -8.79 -7.35 26.01
N VAL A 232 -9.76 -6.53 25.67
CA VAL A 232 -9.63 -5.52 24.62
C VAL A 232 -9.99 -4.15 25.18
N ASP A 233 -9.12 -3.17 24.98
CA ASP A 233 -9.30 -1.81 25.48
C ASP A 233 -10.02 -0.90 24.48
N ILE A 234 -10.95 -0.12 25.01
CA ILE A 234 -11.59 0.98 24.33
C ILE A 234 -10.92 2.23 24.85
N ALA A 235 -10.49 3.11 23.94
CA ALA A 235 -9.84 4.36 24.36
C ALA A 235 -9.95 5.42 23.31
N SER A 236 -9.60 6.63 23.70
CA SER A 236 -9.61 7.76 22.83
C SER A 236 -8.24 8.39 22.78
N TRP A 237 -8.11 9.39 21.93
CA TRP A 237 -6.87 10.13 21.77
C TRP A 237 -6.89 11.41 22.59
N ARG A 238 -8.04 11.71 23.19
CA ARG A 238 -8.31 13.03 23.79
C ARG A 238 -7.34 13.44 24.90
N HIS A 239 -6.91 12.48 25.72
CA HIS A 239 -5.97 12.78 26.80
C HIS A 239 -4.64 12.19 26.41
N ALA A 240 -4.05 12.77 25.36
CA ALA A 240 -2.85 12.26 24.70
C ALA A 240 -1.74 11.85 25.68
N GLU A 241 -1.61 12.59 26.79
CA GLU A 241 -0.62 12.27 27.81
C GLU A 241 -0.75 10.85 28.39
N GLN A 242 -1.96 10.30 28.39
CA GLN A 242 -2.21 8.97 28.94
C GLN A 242 -1.88 7.82 27.96
N LEU A 243 -1.53 8.15 26.72
CA LEU A 243 -1.35 7.11 25.68
C LEU A 243 -0.17 6.15 25.92
N PRO A 244 1.01 6.68 26.31
CA PRO A 244 2.12 5.79 26.67
C PRO A 244 1.76 4.77 27.76
N ALA A 245 1.11 5.24 28.83
CA ALA A 245 0.62 4.35 29.88
C ALA A 245 -0.26 3.28 29.23
N LEU A 246 -1.25 3.71 28.48
CA LEU A 246 -2.14 2.80 27.76
C LEU A 246 -1.35 1.82 26.88
N PHE A 247 -0.39 2.31 26.12
CA PHE A 247 0.42 1.43 25.25
C PHE A 247 1.24 0.42 26.04
N ASN A 248 1.60 0.76 27.27
CA ASN A 248 2.31 -0.16 28.18
C ASN A 248 1.46 -1.26 28.77
N GLY A 249 0.14 -1.14 28.64
CA GLY A 249 -0.81 -2.14 29.11
C GLY A 249 -1.72 -1.67 30.24
N MET A 250 -1.64 -0.40 30.62
CA MET A 250 -2.51 0.15 31.65
C MET A 250 -3.90 0.41 31.07
N PRO A 251 -4.97 0.08 31.83
CA PRO A 251 -6.34 0.33 31.36
C PRO A 251 -6.72 1.79 31.60
N MET A 252 -6.22 2.68 30.74
CA MET A 252 -6.50 4.10 30.82
C MET A 252 -7.86 4.41 30.22
N GLY A 253 -8.43 3.46 29.49
CA GLY A 253 -9.77 3.59 28.95
C GLY A 253 -10.73 2.70 29.71
N THR A 254 -11.42 1.82 28.97
CA THR A 254 -12.24 0.79 29.56
C THR A 254 -11.75 -0.50 28.93
N ARG A 255 -11.34 -1.43 29.77
CA ARG A 255 -10.87 -2.73 29.36
C ARG A 255 -12.06 -3.69 29.41
N ILE A 256 -12.35 -4.36 28.29
CA ILE A 256 -13.51 -5.24 28.16
C ILE A 256 -13.02 -6.70 28.27
N LEU A 257 -13.67 -7.44 29.17
CA LEU A 257 -13.30 -8.81 29.53
C LEU A 257 -14.45 -9.75 29.17
N ALA A 258 -14.27 -10.62 28.19
CA ALA A 258 -15.40 -11.46 27.71
C ALA A 258 -14.89 -12.72 27.00
N MET B 1 26.10 -11.47 -1.55
CA MET B 1 25.86 -10.57 -2.70
C MET B 1 24.51 -10.80 -3.35
N MET B 2 23.79 -9.72 -3.66
CA MET B 2 22.60 -9.78 -4.51
C MET B 2 22.66 -8.84 -5.71
N ASN B 3 21.99 -9.25 -6.77
CA ASN B 3 21.83 -8.42 -7.96
C ASN B 3 20.35 -8.47 -8.39
N PRO B 4 19.45 -7.78 -7.66
CA PRO B 4 18.03 -7.86 -8.00
C PRO B 4 17.70 -7.32 -9.38
N LEU B 5 16.56 -7.76 -9.91
CA LEU B 5 16.05 -7.27 -11.18
C LEU B 5 14.73 -6.53 -10.93
N ILE B 6 14.69 -5.25 -11.31
CA ILE B 6 13.48 -4.44 -11.22
C ILE B 6 12.77 -4.50 -12.55
N ILE B 7 11.51 -4.91 -12.53
CA ILE B 7 10.69 -4.88 -13.70
C ILE B 7 9.66 -3.80 -13.48
N LYS B 8 9.68 -2.79 -14.34
CA LYS B 8 8.81 -1.63 -14.17
C LYS B 8 7.62 -1.83 -15.09
N LEU B 9 6.43 -1.58 -14.55
CA LEU B 9 5.20 -1.80 -15.28
C LEU B 9 4.42 -0.53 -15.31
N GLY B 10 3.58 -0.41 -16.33
CA GLY B 10 2.72 0.72 -16.46
C GLY B 10 1.79 0.57 -17.64
N GLY B 11 1.04 1.62 -17.90
CA GLY B 11 0.21 1.71 -19.08
C GLY B 11 -0.94 0.74 -19.03
N VAL B 12 -1.25 0.18 -20.20
CA VAL B 12 -2.42 -0.68 -20.42
C VAL B 12 -2.29 -2.07 -19.79
N LEU B 13 -1.05 -2.50 -19.56
CA LEU B 13 -0.77 -3.79 -18.93
C LEU B 13 -1.53 -3.95 -17.62
N LEU B 14 -1.57 -2.88 -16.83
CA LEU B 14 -2.09 -2.95 -15.45
C LEU B 14 -3.59 -3.17 -15.44
N ASP B 15 -4.20 -3.17 -16.61
CA ASP B 15 -5.64 -3.30 -16.75
C ASP B 15 -6.04 -4.40 -17.73
N SER B 16 -5.12 -5.29 -18.06
CA SER B 16 -5.42 -6.38 -19.00
C SER B 16 -5.32 -7.70 -18.30
N GLU B 17 -6.45 -8.39 -18.14
CA GLU B 17 -6.48 -9.66 -17.43
C GLU B 17 -5.55 -10.66 -18.12
N GLU B 18 -5.67 -10.80 -19.43
CA GLU B 18 -4.83 -11.75 -20.16
C GLU B 18 -3.35 -11.41 -20.08
N ALA B 19 -3.03 -10.11 -20.20
CA ALA B 19 -1.63 -9.66 -20.15
C ALA B 19 -1.03 -9.91 -18.77
N LEU B 20 -1.77 -9.57 -17.72
CA LEU B 20 -1.33 -9.83 -16.36
C LEU B 20 -1.18 -11.32 -16.09
N GLU B 21 -2.11 -12.12 -16.61
CA GLU B 21 -2.01 -13.56 -16.43
C GLU B 21 -0.71 -14.09 -17.04
N ARG B 22 -0.40 -13.67 -18.27
CA ARG B 22 0.83 -14.13 -18.95
C ARG B 22 2.07 -13.52 -18.30
N LEU B 23 1.95 -12.28 -17.83
CA LEU B 23 3.06 -11.64 -17.15
C LEU B 23 3.40 -12.45 -15.92
N PHE B 24 2.39 -12.73 -15.10
CA PHE B 24 2.64 -13.46 -13.84
C PHE B 24 3.10 -14.89 -14.05
N SER B 25 2.61 -15.52 -15.11
CA SER B 25 3.10 -16.86 -15.48
C SER B 25 4.59 -16.82 -15.78
N ALA B 26 5.03 -15.81 -16.53
CA ALA B 26 6.44 -15.59 -16.82
C ALA B 26 7.26 -15.33 -15.56
N LEU B 27 6.73 -14.52 -14.63
CA LEU B 27 7.38 -14.27 -13.33
C LEU B 27 7.62 -15.58 -12.60
N VAL B 28 6.58 -16.41 -12.51
CA VAL B 28 6.72 -17.70 -11.85
C VAL B 28 7.77 -18.55 -12.58
N ASN B 29 7.74 -18.57 -13.91
CA ASN B 29 8.70 -19.35 -14.69
C ASN B 29 10.16 -18.93 -14.41
N TYR B 30 10.41 -17.62 -14.37
CA TYR B 30 11.74 -17.12 -14.10
C TYR B 30 12.16 -17.49 -12.69
N ARG B 31 11.23 -17.32 -11.75
CA ARG B 31 11.48 -17.63 -10.34
C ARG B 31 11.80 -19.12 -10.10
N GLU B 32 11.25 -19.99 -10.91
CA GLU B 32 11.51 -21.41 -10.77
C GLU B 32 12.95 -21.79 -11.11
N SER B 33 13.54 -21.08 -12.08
CA SER B 33 14.86 -21.44 -12.61
C SER B 33 15.97 -20.49 -12.17
N HIS B 34 15.64 -19.48 -11.37
CA HIS B 34 16.61 -18.47 -10.96
C HIS B 34 16.45 -18.11 -9.50
N GLN B 35 17.58 -17.99 -8.81
CA GLN B 35 17.62 -17.53 -7.44
C GLN B 35 17.62 -15.98 -7.40
N ARG B 36 18.08 -15.34 -8.47
CA ARG B 36 18.21 -13.88 -8.47
C ARG B 36 16.81 -13.28 -8.25
N PRO B 37 16.66 -12.45 -7.22
CA PRO B 37 15.32 -12.03 -6.87
C PRO B 37 14.78 -10.90 -7.74
N LEU B 38 13.45 -10.82 -7.81
CA LEU B 38 12.74 -9.80 -8.57
C LEU B 38 12.10 -8.69 -7.71
N VAL B 39 12.04 -7.51 -8.28
CA VAL B 39 11.31 -6.40 -7.68
C VAL B 39 10.42 -5.79 -8.76
N ILE B 40 9.16 -5.54 -8.44
CA ILE B 40 8.26 -4.85 -9.37
C ILE B 40 8.15 -3.40 -8.94
N VAL B 41 8.25 -2.48 -9.90
CA VAL B 41 7.88 -1.09 -9.69
C VAL B 41 6.76 -0.83 -10.68
N HIS B 42 5.77 -0.03 -10.31
CA HIS B 42 4.69 0.28 -11.24
C HIS B 42 4.14 1.68 -11.08
N GLY B 43 3.64 2.21 -12.19
CA GLY B 43 2.88 3.43 -12.17
C GLY B 43 1.41 3.10 -12.10
N GLY B 44 0.58 4.05 -12.55
CA GLY B 44 -0.86 3.96 -12.39
C GLY B 44 -1.67 3.72 -13.65
N GLY B 45 -1.04 3.71 -14.81
CA GLY B 45 -1.67 3.28 -16.06
C GLY B 45 -3.04 3.90 -16.33
N CYS B 46 -3.98 3.05 -16.73
CA CYS B 46 -5.35 3.47 -16.98
C CYS B 46 -6.15 3.68 -15.70
N VAL B 47 -5.68 3.13 -14.57
CA VAL B 47 -6.42 3.18 -13.31
C VAL B 47 -6.61 4.62 -12.85
N VAL B 48 -5.51 5.39 -12.86
CA VAL B 48 -5.57 6.81 -12.52
C VAL B 48 -6.44 7.54 -13.53
N ASP B 49 -6.18 7.31 -14.82
CA ASP B 49 -6.91 8.00 -15.87
C ASP B 49 -8.40 7.71 -15.69
N GLU B 50 -8.74 6.46 -15.47
CA GLU B 50 -10.16 6.07 -15.34
C GLU B 50 -10.84 6.82 -14.19
N LEU B 51 -10.18 6.88 -13.04
CA LEU B 51 -10.72 7.56 -11.86
C LEU B 51 -10.88 9.07 -12.10
N MET B 52 -9.90 9.65 -12.78
CA MET B 52 -9.97 11.06 -13.19
C MET B 52 -11.17 11.36 -14.08
N LYS B 53 -11.45 10.45 -15.02
CA LYS B 53 -12.60 10.59 -15.91
C LYS B 53 -13.89 10.52 -15.11
N GLY B 54 -13.97 9.57 -14.18
CA GLY B 54 -15.18 9.36 -13.41
C GLY B 54 -15.46 10.50 -12.46
N LEU B 55 -14.39 11.16 -12.01
CA LEU B 55 -14.54 12.35 -11.18
C LEU B 55 -14.64 13.64 -12.02
N ASN B 56 -14.53 13.51 -13.34
CA ASN B 56 -14.55 14.67 -14.24
C ASN B 56 -13.44 15.67 -13.91
N LEU B 57 -12.26 15.15 -13.59
CA LEU B 57 -11.09 15.98 -13.28
C LEU B 57 -10.18 16.14 -14.48
N PRO B 58 -9.80 17.39 -14.81
CA PRO B 58 -8.89 17.60 -15.94
C PRO B 58 -7.46 17.18 -15.63
N VAL B 59 -6.76 16.65 -16.63
CA VAL B 59 -5.35 16.31 -16.51
C VAL B 59 -4.54 17.36 -17.30
N LYS B 60 -3.84 18.23 -16.57
CA LYS B 60 -3.14 19.37 -17.20
C LYS B 60 -1.63 19.21 -17.16
N LYS B 61 -0.99 19.60 -18.26
CA LYS B 61 0.46 19.54 -18.40
C LYS B 61 1.06 20.94 -18.31
N LYS B 62 2.38 21.03 -18.13
CA LYS B 62 3.07 22.33 -18.09
C LYS B 62 4.34 22.31 -18.93
N ASN B 63 5.40 21.70 -18.40
CA ASN B 63 6.69 21.62 -19.09
C ASN B 63 6.72 20.43 -20.05
N GLY B 64 5.54 19.95 -20.43
CA GLY B 64 5.37 18.61 -21.00
C GLY B 64 4.72 17.70 -19.97
N LEU B 65 5.22 17.76 -18.74
CA LEU B 65 4.78 16.88 -17.65
C LEU B 65 3.42 17.29 -17.08
N ARG B 66 2.79 16.36 -16.37
CA ARG B 66 1.43 16.54 -15.86
C ARG B 66 1.42 17.14 -14.44
N VAL B 67 0.47 18.05 -14.20
CA VAL B 67 0.33 18.73 -12.91
C VAL B 67 -0.41 17.81 -11.95
N THR B 68 0.04 17.75 -10.70
CA THR B 68 -0.66 16.98 -9.66
C THR B 68 -1.09 17.89 -8.51
N PRO B 69 -2.29 18.50 -8.63
CA PRO B 69 -2.75 19.48 -7.64
C PRO B 69 -2.87 18.95 -6.22
N ALA B 70 -2.74 19.88 -5.27
CA ALA B 70 -2.87 19.59 -3.85
C ALA B 70 -4.21 18.94 -3.56
N ASP B 71 -5.26 19.36 -4.25
CA ASP B 71 -6.59 18.78 -4.00
C ASP B 71 -6.84 17.47 -4.74
N GLN B 72 -5.82 16.93 -5.41
CA GLN B 72 -5.96 15.67 -6.18
C GLN B 72 -4.96 14.57 -5.80
N ILE B 73 -3.89 14.93 -5.09
CA ILE B 73 -2.88 13.95 -4.70
C ILE B 73 -3.48 12.76 -3.90
N ASP B 74 -4.47 13.00 -3.03
CA ASP B 74 -5.10 11.89 -2.28
C ASP B 74 -5.79 10.87 -3.22
N ILE B 75 -6.59 11.38 -4.16
CA ILE B 75 -7.27 10.52 -5.17
C ILE B 75 -6.28 9.73 -6.03
N ILE B 76 -5.22 10.39 -6.49
CA ILE B 76 -4.19 9.76 -7.32
C ILE B 76 -3.40 8.73 -6.54
N THR B 77 -3.06 9.08 -5.30
CA THR B 77 -2.40 8.13 -4.40
C THR B 77 -3.26 6.86 -4.25
N GLY B 78 -4.55 7.04 -4.11
CA GLY B 78 -5.48 5.91 -4.02
C GLY B 78 -5.43 4.97 -5.22
N ALA B 79 -5.51 5.54 -6.42
CA ALA B 79 -5.55 4.76 -7.65
C ALA B 79 -4.24 4.03 -7.89
N LEU B 80 -3.15 4.72 -7.58
CA LEU B 80 -1.82 4.22 -7.84
C LEU B 80 -1.27 3.32 -6.71
N ALA B 81 -1.11 3.89 -5.52
CA ALA B 81 -0.53 3.15 -4.40
C ALA B 81 -1.55 2.15 -3.81
N GLY B 82 -2.84 2.42 -4.02
CA GLY B 82 -3.94 1.53 -3.59
C GLY B 82 -4.32 0.51 -4.67
N THR B 83 -5.15 0.93 -5.63
CA THR B 83 -5.75 0.02 -6.63
C THR B 83 -4.74 -0.75 -7.48
N ALA B 84 -3.81 -0.04 -8.10
CA ALA B 84 -2.85 -0.70 -9.03
C ALA B 84 -1.97 -1.65 -8.25
N ASN B 85 -1.45 -1.18 -7.11
CA ASN B 85 -0.57 -2.00 -6.24
C ASN B 85 -1.28 -3.29 -5.81
N LYS B 86 -2.48 -3.16 -5.26
CA LYS B 86 -3.20 -4.32 -4.74
C LYS B 86 -3.75 -5.24 -5.82
N THR B 87 -4.09 -4.70 -7.00
CA THR B 87 -4.38 -5.55 -8.16
C THR B 87 -3.21 -6.46 -8.42
N LEU B 88 -2.00 -5.89 -8.48
CA LEU B 88 -0.80 -6.71 -8.70
C LEU B 88 -0.58 -7.72 -7.58
N LEU B 89 -0.84 -7.32 -6.34
CA LEU B 89 -0.72 -8.25 -5.19
C LEU B 89 -1.72 -9.41 -5.28
N ALA B 90 -2.89 -9.11 -5.82
CA ALA B 90 -3.94 -10.10 -6.00
C ALA B 90 -3.50 -11.12 -7.04
N TRP B 91 -2.87 -10.66 -8.11
CA TRP B 91 -2.34 -11.57 -9.14
C TRP B 91 -1.20 -12.41 -8.56
N ALA B 92 -0.36 -11.79 -7.75
CA ALA B 92 0.69 -12.54 -7.06
C ALA B 92 0.11 -13.69 -6.22
N LYS B 93 -0.90 -13.37 -5.40
CA LYS B 93 -1.56 -14.39 -4.57
C LYS B 93 -2.21 -15.48 -5.45
N LYS B 94 -2.87 -15.09 -6.55
CA LYS B 94 -3.43 -16.08 -7.46
C LYS B 94 -2.34 -17.06 -7.90
N HIS B 95 -1.16 -16.53 -8.23
CA HIS B 95 -0.03 -17.33 -8.71
C HIS B 95 0.90 -17.84 -7.61
N GLN B 96 0.46 -17.78 -6.35
CA GLN B 96 1.18 -18.38 -5.23
C GLN B 96 2.50 -17.68 -4.93
N ILE B 97 2.66 -16.43 -5.35
CA ILE B 97 3.89 -15.69 -5.14
C ILE B 97 3.73 -14.90 -3.84
N ALA B 98 4.63 -15.10 -2.90
CA ALA B 98 4.66 -14.30 -1.68
C ALA B 98 5.20 -12.91 -2.02
N ALA B 99 4.29 -11.95 -2.19
CA ALA B 99 4.62 -10.56 -2.51
C ALA B 99 4.32 -9.66 -1.35
N VAL B 100 5.01 -8.52 -1.28
CA VAL B 100 4.73 -7.47 -0.29
C VAL B 100 4.63 -6.15 -1.03
N GLY B 101 3.49 -5.48 -0.86
CA GLY B 101 3.26 -4.20 -1.50
C GLY B 101 3.90 -3.06 -0.70
N LEU B 102 4.64 -2.20 -1.41
CA LEU B 102 5.34 -1.05 -0.84
C LEU B 102 5.05 0.22 -1.66
N PHE B 103 5.20 1.40 -1.05
CA PHE B 103 5.39 2.64 -1.82
C PHE B 103 6.81 3.16 -1.57
N LEU B 104 7.20 4.22 -2.27
CA LEU B 104 8.60 4.65 -2.29
C LEU B 104 9.10 5.02 -0.91
N GLY B 105 8.21 5.51 -0.07
CA GLY B 105 8.56 5.99 1.25
C GLY B 105 8.84 4.92 2.28
N ASP B 106 8.35 3.71 2.04
CA ASP B 106 8.55 2.59 2.98
C ASP B 106 10.05 2.28 3.08
N GLY B 107 10.58 2.39 4.30
CA GLY B 107 12.02 2.23 4.52
C GLY B 107 12.86 3.29 3.80
N ASP B 108 12.24 4.43 3.49
CA ASP B 108 12.90 5.51 2.72
C ASP B 108 13.64 4.95 1.52
N SER B 109 12.96 4.06 0.79
CA SER B 109 13.59 3.28 -0.27
C SER B 109 13.98 4.21 -1.43
N VAL B 110 13.09 5.15 -1.76
CA VAL B 110 13.41 6.20 -2.72
C VAL B 110 12.96 7.51 -2.09
N LYS B 111 13.93 8.43 -1.94
CA LYS B 111 13.64 9.71 -1.33
C LYS B 111 13.06 10.63 -2.38
N VAL B 112 12.25 11.59 -1.94
CA VAL B 112 11.48 12.43 -2.84
C VAL B 112 11.44 13.87 -2.34
N THR B 113 11.73 14.80 -3.25
CA THR B 113 11.53 16.22 -3.01
C THR B 113 10.49 16.73 -4.03
N GLN B 114 9.85 17.86 -3.74
CA GLN B 114 8.90 18.41 -4.69
C GLN B 114 9.69 18.94 -5.89
N LEU B 115 9.32 18.47 -7.07
CA LEU B 115 10.04 18.82 -8.30
C LEU B 115 9.88 20.30 -8.63
N ASP B 116 8.64 20.81 -8.59
CA ASP B 116 8.35 22.15 -9.07
C ASP B 116 7.09 22.73 -8.41
N GLU B 117 7.18 23.95 -7.89
CA GLU B 117 6.03 24.59 -7.24
C GLU B 117 4.79 24.53 -8.15
N GLU B 118 5.00 24.78 -9.45
CA GLU B 118 3.89 24.84 -10.42
C GLU B 118 3.26 23.48 -10.76
N LEU B 119 4.00 22.39 -10.59
CA LEU B 119 3.46 21.05 -10.81
C LEU B 119 2.73 20.50 -9.57
N GLY B 120 2.87 21.18 -8.43
CA GLY B 120 2.21 20.77 -7.20
C GLY B 120 2.89 19.57 -6.58
N HIS B 121 2.11 18.54 -6.26
CA HIS B 121 2.63 17.37 -5.59
C HIS B 121 3.18 16.35 -6.59
N VAL B 122 4.10 16.81 -7.44
CA VAL B 122 4.89 15.92 -8.29
C VAL B 122 6.29 15.81 -7.70
N GLY B 123 6.74 14.59 -7.48
CA GLY B 123 7.98 14.34 -6.78
C GLY B 123 9.13 14.04 -7.70
N LEU B 124 10.33 14.49 -7.28
CA LEU B 124 11.59 14.14 -7.94
C LEU B 124 12.25 13.05 -7.10
N ALA B 125 12.49 11.89 -7.71
CA ALA B 125 13.10 10.76 -7.04
C ALA B 125 14.61 10.87 -6.93
N GLN B 126 15.15 10.44 -5.79
CA GLN B 126 16.59 10.27 -5.64
C GLN B 126 16.82 8.96 -4.89
N PRO B 127 18.02 8.37 -5.01
CA PRO B 127 18.29 7.12 -4.30
C PRO B 127 18.14 7.24 -2.77
N GLY B 128 17.55 6.22 -2.16
CA GLY B 128 17.28 6.20 -0.72
C GLY B 128 18.02 5.07 -0.04
N SER B 129 17.38 4.38 0.89
CA SER B 129 18.02 3.30 1.63
C SER B 129 17.53 1.93 1.14
N PRO B 130 18.47 0.99 0.87
CA PRO B 130 18.14 -0.37 0.41
C PRO B 130 17.84 -1.40 1.51
N LYS B 131 17.94 -1.00 2.78
CA LYS B 131 17.87 -1.94 3.90
C LYS B 131 16.55 -2.74 3.93
N LEU B 132 15.41 -2.06 3.85
CA LEU B 132 14.10 -2.71 3.94
C LEU B 132 13.89 -3.69 2.79
N ILE B 133 14.08 -3.20 1.57
CA ILE B 133 13.84 -4.07 0.43
C ILE B 133 14.84 -5.22 0.37
N ASN B 134 16.10 -4.95 0.64
CA ASN B 134 17.10 -6.03 0.70
C ASN B 134 16.71 -7.14 1.71
N SER B 135 16.20 -6.74 2.88
CA SER B 135 15.79 -7.71 3.88
C SER B 135 14.60 -8.54 3.36
N LEU B 136 13.65 -7.90 2.67
CA LEU B 136 12.51 -8.59 2.10
C LEU B 136 12.98 -9.60 1.05
N LEU B 137 13.86 -9.17 0.15
CA LEU B 137 14.42 -10.04 -0.87
C LEU B 137 15.14 -11.24 -0.29
N GLU B 138 16.00 -11.01 0.69
CA GLU B 138 16.69 -12.11 1.36
C GLU B 138 15.75 -13.11 2.04
N ASN B 139 14.57 -12.65 2.45
CA ASN B 139 13.57 -13.51 3.09
C ASN B 139 12.62 -14.19 2.09
N GLY B 140 12.78 -13.87 0.82
CA GLY B 140 12.06 -14.56 -0.24
C GLY B 140 10.76 -13.92 -0.64
N TYR B 141 10.59 -12.64 -0.29
CA TYR B 141 9.42 -11.89 -0.74
C TYR B 141 9.71 -11.16 -2.05
N LEU B 142 8.66 -10.88 -2.80
CA LEU B 142 8.72 -10.11 -4.04
C LEU B 142 8.12 -8.74 -3.76
N PRO B 143 8.95 -7.71 -3.62
CA PRO B 143 8.41 -6.40 -3.37
C PRO B 143 7.73 -5.83 -4.60
N VAL B 144 6.59 -5.20 -4.38
CA VAL B 144 5.80 -4.62 -5.47
C VAL B 144 5.60 -3.18 -5.05
N VAL B 145 6.33 -2.29 -5.72
CA VAL B 145 6.51 -0.91 -5.25
C VAL B 145 5.80 0.08 -6.17
N SER B 146 4.85 0.81 -5.61
CA SER B 146 4.17 1.87 -6.37
C SER B 146 5.06 3.14 -6.46
N SER B 147 4.73 4.02 -7.41
CA SER B 147 5.47 5.26 -7.66
C SER B 147 4.85 6.47 -6.95
N ILE B 148 4.21 6.24 -5.82
CA ILE B 148 3.91 7.34 -4.88
C ILE B 148 5.03 7.39 -3.88
N GLY B 149 5.39 8.60 -3.47
CA GLY B 149 6.40 8.80 -2.46
C GLY B 149 5.95 9.86 -1.48
N VAL B 150 6.85 10.22 -0.58
CA VAL B 150 6.55 11.21 0.42
C VAL B 150 7.79 12.03 0.72
N THR B 151 7.60 13.33 0.91
CA THR B 151 8.70 14.22 1.28
C THR B 151 9.01 14.04 2.76
N ASP B 152 10.22 14.46 3.16
CA ASP B 152 10.62 14.32 4.55
C ASP B 152 9.66 15.06 5.47
N GLU B 153 9.00 16.09 4.96
CA GLU B 153 8.02 16.83 5.74
C GLU B 153 6.61 16.22 5.70
N GLY B 154 6.43 15.13 4.95
CA GLY B 154 5.19 14.37 5.03
C GLY B 154 4.15 14.69 3.98
N GLN B 155 4.58 15.25 2.85
CA GLN B 155 3.68 15.57 1.76
C GLN B 155 3.77 14.47 0.71
N LEU B 156 2.63 13.88 0.38
CA LEU B 156 2.59 12.83 -0.62
C LEU B 156 2.96 13.39 -1.99
N MET B 157 3.67 12.58 -2.78
CA MET B 157 4.14 12.99 -4.08
C MET B 157 3.96 11.87 -5.10
N ASN B 158 3.47 12.25 -6.27
CA ASN B 158 3.35 11.40 -7.44
C ASN B 158 4.63 11.53 -8.24
N VAL B 159 5.31 10.42 -8.45
CA VAL B 159 6.60 10.42 -9.07
C VAL B 159 6.54 9.68 -10.39
N ASN B 160 7.16 10.23 -11.41
CA ASN B 160 7.31 9.51 -12.67
C ASN B 160 7.84 8.10 -12.43
N ALA B 161 7.14 7.09 -12.93
CA ALA B 161 7.44 5.69 -12.55
C ALA B 161 8.75 5.21 -13.12
N ASP B 162 9.10 5.72 -14.32
CA ASP B 162 10.38 5.39 -14.93
C ASP B 162 11.52 5.94 -14.08
N GLN B 163 11.39 7.17 -13.57
CA GLN B 163 12.44 7.77 -12.73
C GLN B 163 12.47 7.20 -11.30
N ALA B 164 11.29 6.85 -10.78
CA ALA B 164 11.19 6.13 -9.52
C ALA B 164 11.95 4.80 -9.61
N ALA B 165 11.74 4.05 -10.69
CA ALA B 165 12.39 2.75 -10.88
C ALA B 165 13.91 2.89 -11.00
N THR B 166 14.34 3.93 -11.72
CA THR B 166 15.75 4.24 -11.87
C THR B 166 16.38 4.53 -10.51
N ALA B 167 15.70 5.35 -9.69
CA ALA B 167 16.25 5.69 -8.38
C ALA B 167 16.32 4.46 -7.50
N LEU B 168 15.32 3.59 -7.60
CA LEU B 168 15.32 2.35 -6.84
C LEU B 168 16.43 1.43 -7.33
N ALA B 169 16.62 1.39 -8.64
CA ALA B 169 17.70 0.60 -9.28
C ALA B 169 19.09 1.02 -8.75
N ALA B 170 19.30 2.32 -8.62
CA ALA B 170 20.51 2.87 -7.99
C ALA B 170 20.60 2.44 -6.52
N THR B 171 19.47 2.50 -5.83
CA THR B 171 19.43 2.19 -4.41
C THR B 171 19.80 0.72 -4.12
N LEU B 172 19.26 -0.18 -4.92
CA LEU B 172 19.44 -1.62 -4.74
C LEU B 172 20.60 -2.20 -5.51
N GLY B 173 21.21 -1.38 -6.36
CA GLY B 173 22.19 -1.87 -7.31
C GLY B 173 21.54 -2.94 -8.17
N ALA B 174 20.46 -2.56 -8.85
CA ALA B 174 19.62 -3.53 -9.56
C ALA B 174 19.73 -3.38 -11.06
N ASP B 175 19.53 -4.49 -11.78
CA ASP B 175 19.21 -4.42 -13.21
C ASP B 175 17.80 -3.83 -13.34
N LEU B 176 17.51 -3.26 -14.52
CA LEU B 176 16.26 -2.53 -14.75
C LEU B 176 15.68 -2.80 -16.13
N ILE B 177 14.42 -3.22 -16.15
CA ILE B 177 13.62 -3.39 -17.38
C ILE B 177 12.40 -2.49 -17.29
N LEU B 178 12.21 -1.66 -18.31
CA LEU B 178 11.04 -0.85 -18.42
C LEU B 178 10.10 -1.54 -19.41
N LEU B 179 9.05 -2.17 -18.89
CA LEU B 179 8.04 -2.79 -19.74
C LEU B 179 6.96 -1.78 -20.09
N SER B 180 6.71 -1.62 -21.38
CA SER B 180 5.66 -0.74 -21.86
C SER B 180 5.14 -1.33 -23.17
N ASP B 181 4.06 -0.75 -23.68
CA ASP B 181 3.48 -1.21 -24.93
C ASP B 181 4.28 -0.57 -26.09
N VAL B 182 5.46 -1.13 -26.32
CA VAL B 182 6.44 -0.60 -27.28
C VAL B 182 6.62 -1.52 -28.48
N SER B 183 7.11 -0.97 -29.58
CA SER B 183 7.52 -1.77 -30.74
C SER B 183 9.04 -1.76 -30.87
N GLY B 184 9.57 -2.62 -31.73
CA GLY B 184 10.99 -2.63 -32.03
C GLY B 184 11.39 -1.40 -32.83
N ILE B 185 12.54 -0.83 -32.47
CA ILE B 185 13.12 0.29 -33.20
C ILE B 185 14.01 -0.31 -34.28
N LEU B 186 13.70 -0.02 -35.54
CA LEU B 186 14.35 -0.66 -36.68
C LEU B 186 15.46 0.19 -37.25
N ASP B 187 16.48 -0.47 -37.78
CA ASP B 187 17.57 0.22 -38.47
C ASP B 187 17.18 0.48 -39.92
N GLY B 188 18.12 0.95 -40.74
CA GLY B 188 17.86 1.18 -42.16
C GLY B 188 17.66 -0.07 -43.02
N LYS B 189 18.04 -1.24 -42.49
CA LYS B 189 17.74 -2.55 -43.09
C LYS B 189 16.50 -3.23 -42.46
N GLY B 190 15.71 -2.47 -41.72
CA GLY B 190 14.44 -2.96 -41.20
C GLY B 190 14.51 -4.02 -40.10
N GLN B 191 15.68 -4.24 -39.49
CA GLN B 191 15.77 -5.19 -38.37
C GLN B 191 15.81 -4.46 -37.04
N ARG B 192 15.25 -5.10 -36.02
CA ARG B 192 15.20 -4.53 -34.67
C ARG B 192 16.62 -4.32 -34.11
N ILE B 193 16.89 -3.11 -33.65
CA ILE B 193 18.15 -2.82 -32.99
C ILE B 193 18.05 -3.35 -31.54
N ALA B 194 18.64 -4.51 -31.25
CA ALA B 194 18.51 -5.11 -29.92
C ALA B 194 19.29 -4.35 -28.84
N GLU B 195 20.44 -3.78 -29.24
CA GLU B 195 21.30 -3.00 -28.33
C GLU B 195 21.82 -1.73 -28.99
N MET B 196 21.89 -0.63 -28.25
CA MET B 196 22.43 0.62 -28.80
C MET B 196 22.90 1.47 -27.63
N THR B 197 23.91 2.31 -27.87
CA THR B 197 24.43 3.17 -26.82
C THR B 197 23.47 4.32 -26.52
N ALA B 198 23.50 4.81 -25.29
CA ALA B 198 22.80 6.04 -24.94
C ALA B 198 23.15 7.13 -25.95
N ALA B 199 24.41 7.17 -26.37
CA ALA B 199 24.85 8.11 -27.41
C ALA B 199 24.14 7.87 -28.74
N LYS B 200 24.04 6.62 -29.17
CA LYS B 200 23.35 6.29 -30.43
C LYS B 200 21.85 6.57 -30.38
N ALA B 201 21.20 6.10 -29.32
CA ALA B 201 19.76 6.32 -29.14
C ALA B 201 19.45 7.81 -29.23
N GLU B 202 20.27 8.61 -28.55
CA GLU B 202 20.11 10.07 -28.55
C GLU B 202 20.21 10.63 -29.97
N GLN B 203 21.15 10.10 -30.73
CA GLN B 203 21.37 10.49 -32.13
C GLN B 203 20.21 10.08 -33.05
N LEU B 204 19.70 8.86 -32.91
CA LEU B 204 18.57 8.39 -33.73
C LEU B 204 17.33 9.26 -33.53
N ILE B 205 17.07 9.66 -32.28
CA ILE B 205 16.01 10.63 -31.98
C ILE B 205 16.28 11.96 -32.72
N GLU B 206 17.52 12.44 -32.62
CA GLU B 206 17.95 13.68 -33.26
C GLU B 206 17.82 13.64 -34.79
N GLN B 207 18.05 12.46 -35.36
CA GLN B 207 18.03 12.27 -36.81
C GLN B 207 16.69 11.66 -37.28
N GLY B 208 15.67 11.73 -36.44
CA GLY B 208 14.30 11.37 -36.85
C GLY B 208 13.99 9.91 -37.09
N ILE B 209 14.98 9.02 -36.95
CA ILE B 209 14.77 7.60 -37.20
C ILE B 209 13.87 6.99 -36.13
N ILE B 210 14.17 7.29 -34.86
CA ILE B 210 13.33 6.86 -33.75
C ILE B 210 11.98 7.56 -33.86
N THR B 211 11.01 6.82 -34.37
CA THR B 211 9.68 7.36 -34.69
C THR B 211 8.73 7.30 -33.50
N ASP B 212 7.60 8.01 -33.63
CA ASP B 212 6.46 7.85 -32.71
C ASP B 212 6.70 8.53 -31.36
N GLY B 213 5.80 8.26 -30.41
CA GLY B 213 5.97 8.64 -29.01
C GLY B 213 6.84 7.65 -28.26
N MET B 214 7.71 6.96 -29.00
CA MET B 214 8.77 6.14 -28.43
C MET B 214 9.89 7.04 -27.92
N ILE B 215 9.98 8.25 -28.48
CA ILE B 215 10.93 9.26 -28.04
C ILE B 215 10.99 9.38 -26.53
N VAL B 216 9.81 9.43 -25.90
CA VAL B 216 9.71 9.56 -24.44
C VAL B 216 10.26 8.32 -23.74
N LYS B 217 9.99 7.15 -24.31
CA LYS B 217 10.39 5.87 -23.74
C LYS B 217 11.91 5.65 -23.87
N VAL B 218 12.45 5.88 -25.07
CA VAL B 218 13.87 5.77 -25.27
C VAL B 218 14.60 6.78 -24.37
N ASN B 219 14.15 8.04 -24.38
CA ASN B 219 14.72 9.06 -23.47
C ASN B 219 14.80 8.58 -22.01
N ALA B 220 13.72 7.92 -21.56
CA ALA B 220 13.67 7.36 -20.21
C ALA B 220 14.75 6.27 -20.00
N ALA B 221 14.82 5.32 -20.93
CA ALA B 221 15.84 4.26 -20.84
C ALA B 221 17.26 4.85 -20.86
N LEU B 222 17.47 5.82 -21.76
CA LEU B 222 18.76 6.50 -21.97
C LEU B 222 19.24 7.20 -20.74
N ASP B 223 18.34 7.99 -20.14
CA ASP B 223 18.64 8.68 -18.88
C ASP B 223 18.97 7.67 -17.78
N ALA B 224 18.25 6.54 -17.77
CA ALA B 224 18.44 5.49 -16.76
C ALA B 224 19.82 4.87 -16.91
N ALA B 225 20.19 4.49 -18.14
CA ALA B 225 21.52 3.92 -18.41
C ALA B 225 22.66 4.88 -18.05
N ARG B 226 22.52 6.15 -18.40
CA ARG B 226 23.54 7.11 -18.05
C ARG B 226 23.67 7.27 -16.53
N THR B 227 22.53 7.35 -15.83
CA THR B 227 22.52 7.45 -14.36
C THR B 227 23.09 6.21 -13.71
N LEU B 228 22.66 5.04 -14.21
CA LEU B 228 22.99 3.77 -13.56
C LEU B 228 24.38 3.30 -13.93
N GLY B 229 24.82 3.65 -15.15
CA GLY B 229 26.03 3.08 -15.73
C GLY B 229 25.91 1.60 -16.10
N ARG B 230 24.68 1.11 -16.20
CA ARG B 230 24.45 -0.27 -16.64
C ARG B 230 23.39 -0.23 -17.72
N PRO B 231 23.34 -1.28 -18.57
CA PRO B 231 22.31 -1.32 -19.61
C PRO B 231 20.89 -1.35 -19.05
N VAL B 232 19.95 -0.72 -19.74
CA VAL B 232 18.55 -0.70 -19.34
C VAL B 232 17.72 -1.17 -20.52
N ASP B 233 16.87 -2.19 -20.32
CA ASP B 233 16.05 -2.72 -21.42
C ASP B 233 14.66 -2.08 -21.47
N ILE B 234 14.26 -1.70 -22.67
CA ILE B 234 12.87 -1.39 -23.00
C ILE B 234 12.32 -2.64 -23.69
N ALA B 235 11.17 -3.12 -23.24
CA ALA B 235 10.50 -4.27 -23.90
C ALA B 235 8.99 -4.25 -23.73
N SER B 236 8.33 -4.97 -24.64
CA SER B 236 6.88 -5.09 -24.66
C SER B 236 6.47 -6.18 -23.69
N TRP B 237 5.34 -5.97 -23.05
CA TRP B 237 4.69 -7.01 -22.24
C TRP B 237 3.85 -7.98 -23.08
N ARG B 238 3.66 -7.68 -24.36
CA ARG B 238 3.00 -8.62 -25.29
C ARG B 238 4.02 -9.65 -25.74
N HIS B 239 3.54 -10.81 -26.20
CA HIS B 239 4.41 -11.97 -26.43
C HIS B 239 5.21 -12.24 -25.16
N ALA B 240 4.51 -12.60 -24.09
CA ALA B 240 5.15 -12.91 -22.80
C ALA B 240 6.00 -14.18 -22.87
N GLU B 241 5.83 -14.94 -23.96
CA GLU B 241 6.76 -16.01 -24.33
C GLU B 241 8.23 -15.63 -24.08
N GLN B 242 8.60 -14.45 -24.57
CA GLN B 242 9.99 -13.98 -24.56
C GLN B 242 10.47 -13.39 -23.23
N LEU B 243 9.57 -13.24 -22.27
CA LEU B 243 9.88 -12.50 -21.04
C LEU B 243 10.94 -13.19 -20.17
N PRO B 244 10.82 -14.53 -19.95
CA PRO B 244 11.86 -15.20 -19.17
C PRO B 244 13.27 -15.07 -19.77
N ALA B 245 13.35 -15.20 -21.09
CA ALA B 245 14.61 -15.00 -21.79
C ALA B 245 15.06 -13.57 -21.54
N LEU B 246 14.14 -12.62 -21.70
CA LEU B 246 14.40 -11.22 -21.35
C LEU B 246 14.92 -11.11 -19.91
N PHE B 247 14.24 -11.72 -18.94
CA PHE B 247 14.67 -11.63 -17.54
C PHE B 247 16.02 -12.32 -17.35
N ASN B 248 16.26 -13.36 -18.14
CA ASN B 248 17.47 -14.15 -18.07
C ASN B 248 18.65 -13.50 -18.80
N GLY B 249 18.51 -12.23 -19.18
CA GLY B 249 19.62 -11.44 -19.69
C GLY B 249 19.63 -11.24 -21.19
N MET B 250 18.75 -11.94 -21.92
CA MET B 250 18.67 -11.80 -23.39
C MET B 250 18.02 -10.47 -23.81
N PRO B 251 18.62 -9.76 -24.77
CA PRO B 251 18.08 -8.47 -25.21
C PRO B 251 16.92 -8.64 -26.22
N MET B 252 15.72 -8.91 -25.70
CA MET B 252 14.54 -9.24 -26.52
C MET B 252 13.77 -8.00 -26.94
N GLY B 253 14.16 -6.83 -26.45
CA GLY B 253 13.51 -5.59 -26.84
C GLY B 253 14.53 -4.65 -27.40
N THR B 254 14.71 -3.51 -26.74
CA THR B 254 15.77 -2.58 -27.11
C THR B 254 16.56 -2.18 -25.85
N ARG B 255 17.82 -2.58 -25.83
CA ARG B 255 18.70 -2.28 -24.71
C ARG B 255 19.42 -0.97 -24.99
N ILE B 256 19.28 0.01 -24.10
CA ILE B 256 20.14 1.18 -24.11
C ILE B 256 21.38 0.85 -23.28
N LEU B 257 22.53 0.75 -23.95
CA LEU B 257 23.77 0.40 -23.31
C LEU B 257 24.32 1.61 -22.57
N ALA B 258 25.18 1.37 -21.60
CA ALA B 258 25.83 2.48 -20.91
C ALA B 258 26.64 3.27 -21.95
#